data_8R1W
#
_entry.id   8R1W
#
_cell.length_a   97.613
_cell.length_b   97.613
_cell.length_c   80.258
_cell.angle_alpha   90.000
_cell.angle_beta   90.000
_cell.angle_gamma   120.000
#
_symmetry.space_group_name_H-M   'P 65'
#
loop_
_entity.id
_entity.type
_entity.pdbx_description
1 polymer 'Serine/threonine-protein kinase pim-1'
2 polymer Pimtide
3 non-polymer GLYCEROL
4 non-polymer '4-(5-(4-aminophenyl)-2H-1,2,3-triazol-4-yl)benzoic acid'
5 water water
#
loop_
_entity_poly.entity_id
_entity_poly.type
_entity_poly.pdbx_seq_one_letter_code
_entity_poly.pdbx_strand_id
1 'polypeptide(L)'
;SMLLSKINSLAHLRAAPCNDLHATKLAPGKEKEPLESQYQVGPLLGSGGFGSVYSGIRVSDNLPVAIKHVEKDRISDWGE
LPNGTRVPMEVVLLKKVSSGFSGVIRLLDWFERPDSFVLILERPEPVQDLFDFITERGALQEELARSFFWQVLEAVRHCH
NCGVLHRDIKDENILIDLNRGELKLIDFGSGALLKDTVYTDFDGTRVYSPPEWIRYHRYHGRSAAVWSLGILLYDMVCGD
IPFEHDEEIIGGQVFFRQRVS(SEP)ECQHLIRWCLALRPSDRPTFEEIQNHPWMQDVLLPQETAEIHLHSLSPGPS
;
A
2 'polypeptide(L)' ARKRRRHPSGPPTA B
#
loop_
_chem_comp.id
_chem_comp.type
_chem_comp.name
_chem_comp.formula
GOL non-polymer GLYCEROL 'C3 H8 O3'
XIW non-polymer '4-(5-(4-aminophenyl)-2H-1,2,3-triazol-4-yl)benzoic acid' 'C15 H12 N4 O2'
#
# COMPACT_ATOMS: atom_id res chain seq x y z
N PRO A 34 6.42 28.88 7.67
CA PRO A 34 7.62 28.54 6.90
C PRO A 34 8.05 27.09 7.10
N LEU A 35 8.53 26.45 6.03
CA LEU A 35 8.93 25.05 6.11
C LEU A 35 10.36 24.90 6.62
N GLU A 36 11.28 25.73 6.11
CA GLU A 36 12.68 25.63 6.52
C GLU A 36 12.89 25.99 7.98
N SER A 37 11.96 26.74 8.58
CA SER A 37 12.09 27.16 9.97
C SER A 37 11.44 26.19 10.96
N GLN A 38 10.49 25.37 10.51
CA GLN A 38 9.75 24.49 11.40
C GLN A 38 10.27 23.05 11.37
N TYR A 39 11.08 22.68 10.39
CA TYR A 39 11.62 21.33 10.30
C TYR A 39 13.11 21.39 10.04
N GLN A 40 13.84 20.44 10.63
CA GLN A 40 15.24 20.22 10.32
C GLN A 40 15.31 19.13 9.25
N VAL A 41 15.87 19.47 8.09
CA VAL A 41 15.84 18.61 6.91
C VAL A 41 17.13 17.81 6.85
N GLY A 42 17.00 16.50 6.63
CA GLY A 42 18.14 15.62 6.54
C GLY A 42 18.35 15.11 5.13
N PRO A 43 18.93 13.92 5.00
CA PRO A 43 19.26 13.37 3.69
C PRO A 43 18.07 12.66 3.06
N LEU A 44 18.24 12.33 1.78
CA LEU A 44 17.23 11.58 1.05
C LEU A 44 16.97 10.24 1.73
N LEU A 45 15.75 9.74 1.59
CA LEU A 45 15.35 8.43 2.06
C LEU A 45 15.06 7.52 0.87
N GLY A 46 15.31 6.22 1.05
CA GLY A 46 15.01 5.23 0.04
C GLY A 46 16.17 4.92 -0.88
N PHE A 50 13.23 8.16 -8.82
CA PHE A 50 12.85 9.48 -9.29
C PHE A 50 11.93 10.20 -8.30
N GLY A 51 11.81 9.64 -7.08
CA GLY A 51 11.06 10.29 -6.03
C GLY A 51 11.96 11.13 -5.13
N SER A 52 11.35 12.03 -4.37
CA SER A 52 12.09 12.98 -3.53
C SER A 52 11.49 13.03 -2.14
N VAL A 53 11.94 12.13 -1.27
CA VAL A 53 11.50 12.06 0.12
C VAL A 53 12.75 12.18 1.00
N TYR A 54 12.73 13.17 1.91
CA TYR A 54 13.86 13.44 2.78
C TYR A 54 13.52 13.07 4.22
N SER A 55 14.55 12.61 4.93
CA SER A 55 14.43 12.44 6.37
C SER A 55 14.32 13.82 7.03
N GLY A 56 13.55 13.88 8.12
CA GLY A 56 13.33 15.15 8.79
C GLY A 56 13.01 14.96 10.26
N ILE A 57 13.11 16.06 10.98
CA ILE A 57 12.74 16.13 12.39
C ILE A 57 11.97 17.43 12.61
N ARG A 58 10.81 17.33 13.24
CA ARG A 58 10.02 18.51 13.57
C ARG A 58 10.67 19.24 14.74
N VAL A 59 11.07 20.49 14.52
CA VAL A 59 11.84 21.22 15.53
C VAL A 59 11.04 21.38 16.81
N SER A 60 9.71 21.40 16.72
CA SER A 60 8.88 21.60 17.91
C SER A 60 9.13 20.52 18.96
N ASP A 61 8.97 19.25 18.57
CA ASP A 61 9.04 18.14 19.52
C ASP A 61 10.03 17.06 19.09
N ASN A 62 10.96 17.39 18.20
CA ASN A 62 11.97 16.45 17.71
C ASN A 62 11.34 15.18 17.12
N LEU A 63 10.12 15.31 16.61
CA LEU A 63 9.43 14.14 16.05
C LEU A 63 10.04 13.76 14.71
N PRO A 64 10.30 12.48 14.47
CA PRO A 64 10.80 12.08 13.14
C PRO A 64 9.70 12.19 12.10
N VAL A 65 10.03 12.79 10.96
CA VAL A 65 9.09 12.95 9.86
C VAL A 65 9.78 12.57 8.55
N ALA A 66 8.96 12.39 7.52
CA ALA A 66 9.43 12.26 6.14
C ALA A 66 8.88 13.44 5.36
N ILE A 67 9.74 14.08 4.58
CA ILE A 67 9.40 15.30 3.86
C ILE A 67 9.38 14.98 2.37
N LYS A 68 8.18 14.94 1.79
CA LYS A 68 7.97 14.49 0.42
C LYS A 68 7.66 15.68 -0.47
N HIS A 69 8.40 15.81 -1.55
CA HIS A 69 8.26 16.92 -2.50
C HIS A 69 7.62 16.39 -3.78
N VAL A 70 6.63 17.13 -4.29
CA VAL A 70 5.86 16.74 -5.46
C VAL A 70 5.80 17.93 -6.40
N GLU A 71 6.30 17.76 -7.63
CA GLU A 71 6.29 18.85 -8.60
C GLU A 71 4.89 19.05 -9.16
N LYS A 72 4.48 20.32 -9.25
CA LYS A 72 3.16 20.63 -9.81
C LYS A 72 3.05 20.17 -11.26
N ASP A 73 4.14 20.30 -12.02
CA ASP A 73 4.13 19.92 -13.43
C ASP A 73 3.85 18.44 -13.65
N ARG A 74 4.08 17.60 -12.64
CA ARG A 74 3.94 16.16 -12.77
C ARG A 74 2.71 15.62 -12.06
N ILE A 75 1.80 16.48 -11.60
CA ILE A 75 0.63 16.03 -10.88
C ILE A 75 -0.45 15.60 -11.86
N SER A 76 -0.98 14.39 -11.68
CA SER A 76 -1.98 13.85 -12.60
C SER A 76 -3.38 14.38 -12.27
N ASP A 77 -3.89 14.05 -11.09
CA ASP A 77 -5.24 14.44 -10.66
C ASP A 77 -5.14 15.52 -9.59
N TRP A 78 -5.94 16.57 -9.75
CA TRP A 78 -6.03 17.64 -8.78
C TRP A 78 -7.36 17.56 -8.04
N GLY A 79 -7.35 18.08 -6.81
CA GLY A 79 -8.56 18.14 -6.01
C GLY A 79 -8.68 19.50 -5.35
N GLU A 80 -9.76 19.66 -4.58
CA GLU A 80 -10.03 20.90 -3.87
C GLU A 80 -10.26 20.60 -2.41
N LEU A 81 -9.70 21.45 -1.55
CA LEU A 81 -9.91 21.35 -0.12
C LEU A 81 -11.24 21.99 0.26
N PRO A 82 -11.71 21.79 1.50
CA PRO A 82 -12.88 22.55 1.96
C PRO A 82 -12.76 24.04 1.73
N ASN A 83 -11.57 24.62 1.91
CA ASN A 83 -11.34 26.02 1.62
C ASN A 83 -11.39 26.33 0.14
N GLY A 84 -11.50 25.32 -0.72
CA GLY A 84 -11.51 25.53 -2.16
C GLY A 84 -10.13 25.63 -2.79
N THR A 85 -9.06 25.56 -2.00
CA THR A 85 -7.71 25.65 -2.54
C THR A 85 -7.40 24.42 -3.38
N ARG A 86 -6.84 24.63 -4.57
CA ARG A 86 -6.50 23.54 -5.47
C ARG A 86 -5.24 22.84 -4.95
N VAL A 87 -5.40 21.61 -4.51
CA VAL A 87 -4.29 20.82 -3.99
C VAL A 87 -4.21 19.52 -4.76
N PRO A 88 -3.05 18.84 -4.73
CA PRO A 88 -2.98 17.50 -5.31
C PRO A 88 -4.01 16.58 -4.68
N MET A 89 -4.61 15.73 -5.51
CA MET A 89 -5.55 14.72 -5.00
C MET A 89 -4.91 13.90 -3.89
N GLU A 90 -3.60 13.66 -3.98
CA GLU A 90 -2.90 12.94 -2.93
C GLU A 90 -3.13 13.58 -1.57
N VAL A 91 -3.08 14.92 -1.51
CA VAL A 91 -3.33 15.60 -0.24
C VAL A 91 -4.78 15.40 0.19
N VAL A 92 -5.72 15.48 -0.76
CA VAL A 92 -7.13 15.25 -0.45
C VAL A 92 -7.31 13.88 0.19
N LEU A 93 -6.76 12.85 -0.45
CA LEU A 93 -6.95 11.48 0.04
C LEU A 93 -6.28 11.29 1.39
N LEU A 94 -5.08 11.86 1.57
CA LEU A 94 -4.37 11.70 2.83
C LEU A 94 -5.14 12.33 3.98
N LYS A 95 -5.77 13.49 3.74
CA LYS A 95 -6.56 14.13 4.78
C LYS A 95 -7.79 13.31 5.13
N LYS A 96 -8.41 12.65 4.14
CA LYS A 96 -9.62 11.89 4.41
C LYS A 96 -9.35 10.63 5.25
N VAL A 97 -8.13 10.06 5.15
CA VAL A 97 -7.81 8.86 5.91
C VAL A 97 -7.04 9.15 7.19
N SER A 98 -6.66 10.41 7.43
CA SER A 98 -5.89 10.74 8.62
C SER A 98 -6.77 10.70 9.86
N SER A 99 -6.31 9.98 10.89
CA SER A 99 -7.00 9.88 12.17
C SER A 99 -6.15 9.06 13.14
N GLY A 100 -6.80 8.53 14.18
CA GLY A 100 -6.08 7.75 15.18
C GLY A 100 -5.67 6.37 14.72
N PHE A 101 -6.28 5.85 13.67
CA PHE A 101 -5.94 4.53 13.16
C PHE A 101 -4.56 4.58 12.51
N SER A 102 -3.62 3.79 13.04
CA SER A 102 -2.23 3.86 12.62
C SER A 102 -1.88 2.84 11.53
N GLY A 103 -2.89 2.30 10.83
CA GLY A 103 -2.61 1.43 9.70
C GLY A 103 -2.35 2.15 8.40
N VAL A 104 -2.62 3.45 8.37
CA VAL A 104 -2.34 4.28 7.21
C VAL A 104 -1.41 5.40 7.65
N ILE A 105 -0.48 5.78 6.78
CA ILE A 105 0.43 6.86 7.09
C ILE A 105 -0.36 8.14 7.38
N ARG A 106 0.12 8.93 8.32
CA ARG A 106 -0.53 10.17 8.71
C ARG A 106 0.16 11.35 8.03
N LEU A 107 -0.61 12.15 7.30
CA LEU A 107 -0.13 13.43 6.79
C LEU A 107 -0.14 14.44 7.94
N LEU A 108 1.03 14.88 8.37
CA LEU A 108 1.11 15.77 9.52
C LEU A 108 0.88 17.23 9.14
N ASP A 109 1.25 17.61 7.92
CA ASP A 109 1.13 18.99 7.45
C ASP A 109 1.50 18.99 5.98
N TRP A 110 1.27 20.13 5.33
CA TRP A 110 1.69 20.29 3.94
C TRP A 110 1.86 21.77 3.66
N PHE A 111 2.67 22.06 2.64
CA PHE A 111 2.96 23.42 2.22
C PHE A 111 2.87 23.49 0.70
N GLU A 112 2.50 24.67 0.20
CA GLU A 112 2.55 24.95 -1.23
C GLU A 112 3.71 25.88 -1.52
N ARG A 113 4.44 25.59 -2.60
CA ARG A 113 5.56 26.37 -3.09
C ARG A 113 5.25 26.79 -4.53
N PRO A 114 6.01 27.71 -5.11
CA PRO A 114 5.71 28.12 -6.50
C PRO A 114 5.56 26.97 -7.48
N ASP A 115 6.47 25.99 -7.45
CA ASP A 115 6.48 24.92 -8.44
C ASP A 115 6.22 23.54 -7.84
N SER A 116 5.82 23.45 -6.57
CA SER A 116 5.72 22.16 -5.93
C SER A 116 4.86 22.23 -4.69
N PHE A 117 4.45 21.06 -4.22
CA PHE A 117 3.86 20.89 -2.90
C PHE A 117 4.82 20.06 -2.05
N VAL A 118 4.82 20.32 -0.75
CA VAL A 118 5.66 19.61 0.20
C VAL A 118 4.75 18.97 1.24
N LEU A 119 4.94 17.68 1.46
CA LEU A 119 4.09 16.89 2.35
C LEU A 119 4.91 16.43 3.54
N ILE A 120 4.43 16.72 4.75
CA ILE A 120 5.09 16.27 5.97
C ILE A 120 4.40 14.99 6.41
N LEU A 121 5.11 13.87 6.31
CA LEU A 121 4.53 12.57 6.58
C LEU A 121 5.19 11.92 7.79
N GLU A 122 4.42 11.05 8.43
CA GLU A 122 4.92 10.28 9.56
C GLU A 122 6.12 9.43 9.16
N ARG A 123 7.07 9.30 10.07
CA ARG A 123 8.23 8.43 9.87
C ARG A 123 8.45 7.59 11.13
N PRO A 124 8.05 6.32 11.11
CA PRO A 124 8.41 5.43 12.22
C PRO A 124 9.91 5.18 12.23
N GLU A 125 10.43 4.88 13.42
CA GLU A 125 11.83 4.54 13.58
C GLU A 125 11.97 3.53 14.71
N PRO A 126 12.58 2.36 14.45
CA PRO A 126 13.17 1.91 13.19
C PRO A 126 12.10 1.42 12.21
N VAL A 127 12.38 1.44 10.91
CA VAL A 127 11.40 1.11 9.89
C VAL A 127 12.10 0.40 8.74
N GLN A 128 11.34 -0.43 8.04
CA GLN A 128 11.77 -1.02 6.78
C GLN A 128 10.52 -1.24 5.94
N ASP A 129 10.61 -1.03 4.63
CA ASP A 129 9.40 -1.30 3.86
C ASP A 129 9.30 -2.81 3.58
N LEU A 130 8.09 -3.24 3.25
CA LEU A 130 7.83 -4.66 3.11
C LEU A 130 8.58 -5.27 1.94
N PHE A 131 8.87 -4.49 0.88
CA PHE A 131 9.66 -5.03 -0.22
C PHE A 131 11.05 -5.45 0.25
N ASP A 132 11.79 -4.54 0.89
CA ASP A 132 13.13 -4.89 1.38
C ASP A 132 13.07 -6.01 2.40
N PHE A 133 12.03 -6.00 3.24
CA PHE A 133 11.86 -7.05 4.26
C PHE A 133 11.76 -8.42 3.60
N ILE A 134 10.94 -8.53 2.55
CA ILE A 134 10.77 -9.82 1.89
C ILE A 134 12.03 -10.18 1.11
N THR A 135 12.72 -9.20 0.53
CA THR A 135 13.99 -9.48 -0.14
C THR A 135 14.99 -10.10 0.83
N GLU A 136 15.13 -9.52 2.02
CA GLU A 136 16.16 -9.98 2.95
C GLU A 136 15.76 -11.30 3.61
N ARG A 137 14.47 -11.52 3.83
CA ARG A 137 14.02 -12.73 4.54
C ARG A 137 13.60 -13.86 3.62
N GLY A 138 13.35 -13.59 2.35
CA GLY A 138 12.74 -14.60 1.51
C GLY A 138 11.27 -14.76 1.87
N ALA A 139 10.71 -15.90 1.44
CA ALA A 139 9.32 -16.22 1.72
C ALA A 139 9.04 -16.17 3.21
N LEU A 140 7.94 -15.52 3.58
CA LEU A 140 7.58 -15.36 4.98
C LEU A 140 6.86 -16.60 5.50
N GLN A 141 7.16 -16.99 6.74
CA GLN A 141 6.33 -17.97 7.43
C GLN A 141 4.88 -17.53 7.42
N GLU A 142 3.96 -18.49 7.26
CA GLU A 142 2.55 -18.13 7.10
C GLU A 142 1.99 -17.40 8.31
N GLU A 143 2.48 -17.71 9.51
CA GLU A 143 2.04 -16.98 10.70
C GLU A 143 2.36 -15.50 10.58
N LEU A 144 3.54 -15.18 10.05
CA LEU A 144 3.92 -13.78 9.86
C LEU A 144 3.17 -13.16 8.70
N ALA A 145 3.03 -13.89 7.58
CA ALA A 145 2.25 -13.37 6.47
C ALA A 145 0.81 -13.13 6.87
N ARG A 146 0.27 -13.99 7.74
CA ARG A 146 -1.11 -13.80 8.20
C ARG A 146 -1.25 -12.49 8.95
N SER A 147 -0.34 -12.23 9.89
CA SER A 147 -0.41 -11.00 10.69
C SER A 147 -0.29 -9.78 9.79
N PHE A 148 0.69 -9.79 8.87
CA PHE A 148 0.89 -8.66 7.96
C PHE A 148 -0.31 -8.47 7.05
N PHE A 149 -0.77 -9.54 6.39
CA PHE A 149 -1.90 -9.44 5.48
C PHE A 149 -3.15 -8.95 6.20
N TRP A 150 -3.40 -9.45 7.41
CA TRP A 150 -4.54 -8.98 8.18
C TRP A 150 -4.46 -7.48 8.44
N GLN A 151 -3.27 -6.99 8.82
CA GLN A 151 -3.13 -5.56 9.06
C GLN A 151 -3.31 -4.75 7.77
N VAL A 152 -2.87 -5.28 6.63
CA VAL A 152 -3.09 -4.58 5.37
C VAL A 152 -4.59 -4.52 5.07
N LEU A 153 -5.30 -5.62 5.33
CA LEU A 153 -6.74 -5.64 5.14
C LEU A 153 -7.45 -4.59 5.98
N GLU A 154 -7.07 -4.47 7.27
CA GLU A 154 -7.71 -3.47 8.12
C GLU A 154 -7.40 -2.07 7.61
N ALA A 155 -6.17 -1.84 7.13
CA ALA A 155 -5.81 -0.52 6.62
C ALA A 155 -6.59 -0.18 5.36
N VAL A 156 -6.75 -1.14 4.45
CA VAL A 156 -7.48 -0.87 3.21
C VAL A 156 -8.96 -0.65 3.51
N ARG A 157 -9.52 -1.45 4.42
CA ARG A 157 -10.89 -1.21 4.87
C ARG A 157 -11.05 0.21 5.40
N HIS A 158 -10.08 0.68 6.18
CA HIS A 158 -10.13 2.04 6.69
C HIS A 158 -10.15 3.05 5.54
N CYS A 159 -9.29 2.86 4.54
CA CYS A 159 -9.31 3.73 3.37
C CYS A 159 -10.69 3.76 2.72
N HIS A 160 -11.26 2.58 2.44
CA HIS A 160 -12.54 2.54 1.75
C HIS A 160 -13.64 3.17 2.59
N ASN A 161 -13.61 2.94 3.92
CA ASN A 161 -14.60 3.56 4.79
C ASN A 161 -14.50 5.08 4.78
N CYS A 162 -13.31 5.62 4.55
CA CYS A 162 -13.11 7.06 4.45
C CYS A 162 -13.32 7.60 3.04
N GLY A 163 -13.80 6.77 2.11
CA GLY A 163 -14.04 7.21 0.74
C GLY A 163 -12.82 7.23 -0.15
N VAL A 164 -11.77 6.47 0.16
CA VAL A 164 -10.48 6.56 -0.53
C VAL A 164 -10.12 5.18 -1.11
N LEU A 165 -9.73 5.18 -2.37
CA LEU A 165 -9.24 3.99 -3.07
C LEU A 165 -7.75 4.18 -3.34
N HIS A 166 -6.92 3.30 -2.77
CA HIS A 166 -5.48 3.50 -2.84
C HIS A 166 -4.94 3.29 -4.26
N ARG A 167 -5.34 2.19 -4.91
CA ARG A 167 -4.98 1.84 -6.29
C ARG A 167 -3.50 1.50 -6.50
N ASP A 168 -2.70 1.37 -5.46
CA ASP A 168 -1.31 0.96 -5.66
C ASP A 168 -0.84 0.14 -4.47
N ILE A 169 -1.67 -0.80 -4.02
CA ILE A 169 -1.28 -1.70 -2.95
C ILE A 169 -0.17 -2.61 -3.45
N LYS A 170 0.97 -2.60 -2.76
CA LYS A 170 2.09 -3.47 -3.08
C LYS A 170 3.06 -3.42 -1.90
N ASP A 171 4.02 -4.34 -1.90
CA ASP A 171 4.94 -4.41 -0.75
C ASP A 171 5.82 -3.16 -0.66
N GLU A 172 6.12 -2.52 -1.79
CA GLU A 172 6.88 -1.27 -1.76
C GLU A 172 6.14 -0.16 -1.03
N ASN A 173 4.82 -0.22 -0.98
CA ASN A 173 4.01 0.84 -0.38
C ASN A 173 3.49 0.48 1.00
N ILE A 174 4.22 -0.38 1.71
CA ILE A 174 3.88 -0.80 3.06
C ILE A 174 5.13 -0.66 3.92
N LEU A 175 5.03 0.14 4.98
CA LEU A 175 6.10 0.32 5.94
C LEU A 175 5.87 -0.56 7.16
N ILE A 176 6.94 -1.15 7.68
CA ILE A 176 6.89 -1.97 8.88
C ILE A 176 7.52 -1.18 10.02
N ASP A 177 6.72 -0.84 11.03
CA ASP A 177 7.22 -0.33 12.30
C ASP A 177 7.77 -1.54 13.06
N LEU A 178 9.09 -1.73 12.98
CA LEU A 178 9.70 -2.96 13.47
C LEU A 178 9.54 -3.14 14.97
N ASN A 179 9.54 -2.04 15.73
CA ASN A 179 9.42 -2.19 17.18
C ASN A 179 8.00 -2.49 17.62
N ARG A 180 7.01 -1.93 16.93
CA ARG A 180 5.62 -2.15 17.29
C ARG A 180 4.96 -3.26 16.48
N GLY A 181 5.62 -3.77 15.45
CA GLY A 181 5.00 -4.80 14.61
C GLY A 181 3.76 -4.32 13.89
N GLU A 182 3.67 -3.02 13.60
CA GLU A 182 2.54 -2.43 12.90
C GLU A 182 2.94 -2.03 11.49
N LEU A 183 2.07 -2.33 10.53
CA LEU A 183 2.29 -1.98 9.14
C LEU A 183 1.52 -0.70 8.80
N LYS A 184 2.10 0.09 7.89
CA LYS A 184 1.52 1.38 7.48
C LYS A 184 1.49 1.46 5.96
N LEU A 185 0.30 1.69 5.42
CA LEU A 185 0.13 1.91 3.99
C LEU A 185 0.57 3.32 3.63
N ILE A 186 1.40 3.45 2.58
CA ILE A 186 1.93 4.74 2.19
C ILE A 186 1.64 4.99 0.71
N ASP A 187 2.00 6.20 0.26
CA ASP A 187 1.96 6.66 -1.12
C ASP A 187 0.58 6.53 -1.74
N PHE A 188 -0.24 7.56 -1.56
CA PHE A 188 -1.54 7.68 -2.20
C PHE A 188 -1.47 8.45 -3.52
N GLY A 189 -0.28 8.60 -4.10
CA GLY A 189 -0.12 9.37 -5.32
C GLY A 189 -0.84 8.81 -6.53
N SER A 190 -1.32 7.57 -6.46
CA SER A 190 -2.09 6.97 -7.54
C SER A 190 -3.55 6.73 -7.13
N GLY A 191 -3.95 7.20 -5.96
CA GLY A 191 -5.27 6.91 -5.45
C GLY A 191 -6.37 7.76 -6.09
N ALA A 192 -7.60 7.46 -5.68
CA ALA A 192 -8.76 8.22 -6.14
C ALA A 192 -9.83 8.16 -5.06
N LEU A 193 -10.79 9.08 -5.17
CA LEU A 193 -12.02 8.93 -4.40
C LEU A 193 -12.66 7.61 -4.75
N LEU A 194 -13.16 6.90 -3.75
CA LEU A 194 -13.82 5.63 -4.00
C LEU A 194 -15.19 5.88 -4.62
N LYS A 195 -15.51 5.11 -5.66
CA LYS A 195 -16.81 5.18 -6.31
C LYS A 195 -17.23 3.77 -6.70
N ASP A 196 -18.53 3.61 -6.98
CA ASP A 196 -19.07 2.31 -7.36
C ASP A 196 -19.14 2.12 -8.86
N THR A 197 -18.90 3.15 -9.65
CA THR A 197 -18.92 3.03 -11.10
C THR A 197 -17.53 2.68 -11.62
N VAL A 198 -17.46 2.39 -12.91
CA VAL A 198 -16.24 1.86 -13.50
C VAL A 198 -15.16 2.94 -13.54
N TYR A 199 -13.91 2.53 -13.31
CA TYR A 199 -12.74 3.36 -13.56
C TYR A 199 -12.19 3.04 -14.94
N THR A 200 -11.81 4.08 -15.68
CA THR A 200 -11.18 3.91 -16.98
C THR A 200 -9.76 4.46 -17.02
N ASP A 201 -9.23 4.90 -15.89
CA ASP A 201 -7.87 5.40 -15.76
C ASP A 201 -7.14 4.60 -14.68
N PHE A 202 -5.81 4.53 -14.79
CA PHE A 202 -5.01 3.80 -13.82
C PHE A 202 -3.56 4.24 -13.94
N ASP A 203 -2.92 4.50 -12.80
CA ASP A 203 -1.52 4.88 -12.77
C ASP A 203 -0.75 4.14 -11.69
N GLY A 204 -1.30 3.05 -11.16
CA GLY A 204 -0.60 2.25 -10.18
C GLY A 204 0.39 1.32 -10.85
N THR A 205 0.70 0.22 -10.17
CA THR A 205 1.73 -0.72 -10.61
C THR A 205 1.11 -1.81 -11.49
N ARG A 206 1.62 -1.96 -12.71
CA ARG A 206 0.97 -2.82 -13.69
C ARG A 206 0.95 -4.28 -13.25
N VAL A 207 2.05 -4.77 -12.66
CA VAL A 207 2.13 -6.17 -12.28
C VAL A 207 1.24 -6.51 -11.10
N TYR A 208 0.67 -5.51 -10.43
CA TYR A 208 -0.35 -5.71 -9.41
C TYR A 208 -1.76 -5.40 -9.91
N SER A 209 -1.91 -5.00 -11.18
CA SER A 209 -3.19 -4.59 -11.73
C SER A 209 -3.97 -5.80 -12.24
N PRO A 210 -5.30 -5.71 -12.28
CA PRO A 210 -6.10 -6.90 -12.56
C PRO A 210 -6.22 -7.15 -14.05
N PRO A 211 -6.61 -8.36 -14.45
CA PRO A 211 -6.68 -8.67 -15.88
C PRO A 211 -7.72 -7.85 -16.64
N GLU A 212 -8.80 -7.41 -15.97
CA GLU A 212 -9.77 -6.57 -16.66
C GLU A 212 -9.18 -5.23 -17.04
N TRP A 213 -8.19 -4.73 -16.28
CA TRP A 213 -7.46 -3.55 -16.71
C TRP A 213 -6.54 -3.86 -17.88
N ILE A 214 -5.82 -4.98 -17.81
CA ILE A 214 -4.93 -5.38 -18.89
C ILE A 214 -5.71 -5.52 -20.20
N ARG A 215 -6.87 -6.18 -20.14
CA ARG A 215 -7.61 -6.51 -21.35
C ARG A 215 -8.47 -5.35 -21.84
N TYR A 216 -9.24 -4.73 -20.95
CA TYR A 216 -10.28 -3.80 -21.37
C TYR A 216 -10.08 -2.37 -20.88
N HIS A 217 -9.01 -2.08 -20.13
CA HIS A 217 -8.76 -0.75 -19.58
C HIS A 217 -9.95 -0.25 -18.77
N ARG A 218 -10.59 -1.16 -18.04
CA ARG A 218 -11.65 -0.81 -17.09
C ARG A 218 -11.56 -1.73 -15.89
N TYR A 219 -12.03 -1.23 -14.75
CA TYR A 219 -12.07 -2.01 -13.52
C TYR A 219 -13.00 -1.32 -12.53
N HIS A 220 -13.46 -2.08 -11.55
CA HIS A 220 -14.15 -1.53 -10.40
C HIS A 220 -13.23 -1.54 -9.20
N GLY A 221 -13.44 -0.58 -8.29
CA GLY A 221 -12.43 -0.27 -7.29
C GLY A 221 -12.13 -1.42 -6.36
N ARG A 222 -13.17 -1.99 -5.74
CA ARG A 222 -12.97 -2.96 -4.68
C ARG A 222 -12.42 -4.28 -5.21
N SER A 223 -12.97 -4.77 -6.33
CA SER A 223 -12.49 -6.03 -6.87
C SER A 223 -11.08 -5.90 -7.44
N ALA A 224 -10.72 -4.71 -7.95
CA ALA A 224 -9.33 -4.48 -8.35
C ALA A 224 -8.41 -4.47 -7.15
N ALA A 225 -8.85 -3.86 -6.04
CA ALA A 225 -8.07 -3.88 -4.82
C ALA A 225 -7.84 -5.31 -4.34
N VAL A 226 -8.87 -6.15 -4.42
CA VAL A 226 -8.74 -7.53 -3.95
C VAL A 226 -7.74 -8.30 -4.81
N TRP A 227 -7.73 -8.06 -6.12
CA TRP A 227 -6.72 -8.69 -6.97
C TRP A 227 -5.31 -8.32 -6.50
N SER A 228 -5.07 -7.03 -6.27
CA SER A 228 -3.75 -6.60 -5.82
C SER A 228 -3.40 -7.22 -4.47
N LEU A 229 -4.39 -7.45 -3.62
CA LEU A 229 -4.12 -8.13 -2.35
C LEU A 229 -3.78 -9.60 -2.56
N GLY A 230 -4.36 -10.22 -3.59
CA GLY A 230 -3.93 -11.57 -3.95
C GLY A 230 -2.47 -11.60 -4.37
N ILE A 231 -2.07 -10.65 -5.23
CA ILE A 231 -0.67 -10.55 -5.64
C ILE A 231 0.22 -10.37 -4.42
N LEU A 232 -0.20 -9.49 -3.51
CA LEU A 232 0.58 -9.19 -2.31
C LEU A 232 0.73 -10.43 -1.42
N LEU A 233 -0.36 -11.18 -1.24
CA LEU A 233 -0.30 -12.35 -0.37
C LEU A 233 0.62 -13.42 -0.96
N TYR A 234 0.50 -13.70 -2.25
CA TYR A 234 1.44 -14.60 -2.91
C TYR A 234 2.87 -14.12 -2.72
N ASP A 235 3.09 -12.83 -2.94
CA ASP A 235 4.41 -12.22 -2.73
C ASP A 235 4.95 -12.52 -1.34
N MET A 236 4.11 -12.45 -0.32
CA MET A 236 4.57 -12.68 1.05
C MET A 236 4.96 -14.14 1.28
N VAL A 237 4.12 -15.09 0.84
CA VAL A 237 4.38 -16.49 1.19
C VAL A 237 5.26 -17.22 0.18
N CYS A 238 5.54 -16.61 -0.98
CA CYS A 238 6.44 -17.23 -1.94
C CYS A 238 7.75 -16.46 -2.11
N GLY A 239 7.83 -15.23 -1.62
CA GLY A 239 9.05 -14.45 -1.70
C GLY A 239 9.15 -13.54 -2.91
N ASP A 240 8.24 -13.63 -3.87
CA ASP A 240 8.15 -12.68 -4.96
C ASP A 240 6.77 -12.79 -5.58
N ILE A 241 6.43 -11.81 -6.41
CA ILE A 241 5.10 -11.72 -7.00
C ILE A 241 4.95 -12.83 -8.04
N PRO A 242 3.73 -13.26 -8.38
CA PRO A 242 3.58 -14.40 -9.29
C PRO A 242 3.71 -14.05 -10.76
N PHE A 243 3.31 -12.84 -11.16
CA PHE A 243 3.23 -12.46 -12.56
C PHE A 243 4.18 -11.32 -12.85
N GLU A 244 4.93 -11.43 -13.95
CA GLU A 244 5.73 -10.32 -14.45
C GLU A 244 5.24 -9.78 -15.79
N HIS A 245 4.43 -10.53 -16.54
CA HIS A 245 4.05 -10.16 -17.90
C HIS A 245 2.54 -10.19 -18.04
N ASP A 246 2.03 -9.38 -18.98
CA ASP A 246 0.59 -9.28 -19.20
C ASP A 246 -0.05 -10.64 -19.42
N GLU A 247 0.62 -11.50 -20.19
CA GLU A 247 0.03 -12.80 -20.52
C GLU A 247 -0.13 -13.67 -19.30
N GLU A 248 0.79 -13.56 -18.33
CA GLU A 248 0.62 -14.27 -17.07
C GLU A 248 -0.55 -13.71 -16.28
N ILE A 249 -0.72 -12.38 -16.29
CA ILE A 249 -1.80 -11.74 -15.53
C ILE A 249 -3.15 -12.22 -16.02
N ILE A 250 -3.34 -12.28 -17.35
CA ILE A 250 -4.63 -12.67 -17.89
C ILE A 250 -4.78 -14.17 -18.05
N GLY A 251 -3.72 -14.94 -17.82
CA GLY A 251 -3.75 -16.37 -18.11
C GLY A 251 -4.56 -17.18 -17.11
N GLY A 252 -4.64 -16.73 -15.87
CA GLY A 252 -5.47 -17.44 -14.90
C GLY A 252 -4.85 -18.69 -14.30
N GLN A 253 -3.52 -18.78 -14.27
CA GLN A 253 -2.82 -19.91 -13.66
C GLN A 253 -1.88 -19.38 -12.59
N VAL A 254 -1.95 -19.97 -11.40
CA VAL A 254 -1.11 -19.59 -10.26
C VAL A 254 -0.27 -20.81 -9.90
N PHE A 255 1.00 -20.79 -10.28
CA PHE A 255 1.96 -21.80 -9.86
C PHE A 255 2.62 -21.36 -8.56
N PHE A 256 2.69 -22.28 -7.59
CA PHE A 256 3.28 -21.97 -6.29
C PHE A 256 4.71 -22.49 -6.25
N ARG A 257 5.67 -21.56 -6.20
CA ARG A 257 7.10 -21.86 -6.22
C ARG A 257 7.62 -22.24 -4.84
N GLN A 258 6.79 -22.15 -3.81
CA GLN A 258 7.17 -22.45 -2.45
C GLN A 258 6.11 -23.33 -1.82
N ARG A 259 6.50 -24.08 -0.80
CA ARG A 259 5.53 -24.79 0.01
C ARG A 259 4.57 -23.79 0.64
N VAL A 260 3.29 -23.90 0.28
CA VAL A 260 2.23 -23.03 0.79
C VAL A 260 1.04 -23.90 1.15
N SER A 261 0.46 -23.69 2.33
CA SER A 261 -0.65 -24.51 2.79
C SER A 261 -1.82 -24.43 1.83
N SEP A 262 -2.61 -25.50 1.79
CA SEP A 262 -3.79 -25.58 0.94
CB SEP A 262 -4.48 -26.94 1.11
OG SEP A 262 -3.65 -27.99 0.65
C SEP A 262 -4.77 -24.44 1.23
O SEP A 262 -5.41 -23.89 0.32
P SEP A 262 -3.16 -28.93 1.87
O1P SEP A 262 -4.44 -29.61 2.58
O2P SEP A 262 -2.17 -30.08 1.30
O3P SEP A 262 -2.39 -28.02 2.96
N GLU A 263 -4.90 -24.06 2.50
CA GLU A 263 -5.82 -23.00 2.89
C GLU A 263 -5.37 -21.65 2.31
N CYS A 264 -4.07 -21.37 2.42
CA CYS A 264 -3.53 -20.12 1.88
C CYS A 264 -3.59 -20.09 0.35
N GLN A 265 -3.25 -21.22 -0.29
CA GLN A 265 -3.36 -21.30 -1.75
C GLN A 265 -4.79 -20.99 -2.20
N HIS A 266 -5.79 -21.54 -1.50
CA HIS A 266 -7.18 -21.30 -1.85
C HIS A 266 -7.52 -19.80 -1.76
N LEU A 267 -7.11 -19.15 -0.67
CA LEU A 267 -7.40 -17.73 -0.53
C LEU A 267 -6.76 -16.93 -1.65
N ILE A 268 -5.49 -17.23 -1.96
CA ILE A 268 -4.78 -16.51 -3.02
C ILE A 268 -5.48 -16.72 -4.36
N ARG A 269 -5.79 -17.97 -4.71
CA ARG A 269 -6.46 -18.24 -5.98
C ARG A 269 -7.82 -17.57 -6.03
N TRP A 270 -8.51 -17.50 -4.89
CA TRP A 270 -9.80 -16.81 -4.83
C TRP A 270 -9.64 -15.32 -5.13
N CYS A 271 -8.68 -14.68 -4.45
CA CYS A 271 -8.39 -13.26 -4.70
C CYS A 271 -8.00 -13.00 -6.15
N LEU A 272 -7.38 -13.98 -6.81
CA LEU A 272 -6.93 -13.85 -8.19
C LEU A 272 -7.89 -14.48 -9.19
N ALA A 273 -9.17 -14.59 -8.85
CA ALA A 273 -10.16 -15.00 -9.84
C ALA A 273 -10.16 -14.04 -11.02
N LEU A 274 -10.16 -14.60 -12.25
CA LEU A 274 -10.15 -13.75 -13.44
C LEU A 274 -11.40 -12.89 -13.53
N ARG A 275 -12.56 -13.46 -13.27
CA ARG A 275 -13.80 -12.68 -13.26
C ARG A 275 -13.87 -11.86 -11.97
N PRO A 276 -13.98 -10.54 -12.05
CA PRO A 276 -14.02 -9.73 -10.81
C PRO A 276 -15.14 -10.11 -9.85
N SER A 277 -16.32 -10.45 -10.37
CA SER A 277 -17.43 -10.81 -9.50
C SER A 277 -17.18 -12.12 -8.76
N ASP A 278 -16.21 -12.92 -9.21
CA ASP A 278 -15.84 -14.16 -8.52
C ASP A 278 -14.89 -13.93 -7.35
N ARG A 279 -14.36 -12.73 -7.18
CA ARG A 279 -13.40 -12.49 -6.12
C ARG A 279 -14.13 -12.29 -4.79
N PRO A 280 -13.44 -12.56 -3.67
CA PRO A 280 -14.08 -12.37 -2.37
C PRO A 280 -14.21 -10.90 -2.01
N THR A 281 -15.22 -10.60 -1.19
CA THR A 281 -15.26 -9.31 -0.51
C THR A 281 -14.19 -9.29 0.59
N PHE A 282 -13.98 -8.11 1.18
CA PHE A 282 -13.05 -8.03 2.29
C PHE A 282 -13.54 -8.85 3.48
N GLU A 283 -14.86 -8.88 3.70
CA GLU A 283 -15.44 -9.72 4.75
C GLU A 283 -15.13 -11.19 4.50
N GLU A 284 -15.29 -11.64 3.25
CA GLU A 284 -14.99 -13.03 2.93
C GLU A 284 -13.51 -13.34 3.09
N ILE A 285 -12.63 -12.39 2.79
CA ILE A 285 -11.20 -12.62 3.02
C ILE A 285 -10.92 -12.80 4.50
N GLN A 286 -11.44 -11.89 5.34
CA GLN A 286 -11.14 -11.94 6.76
C GLN A 286 -11.86 -13.08 7.48
N ASN A 287 -12.94 -13.62 6.90
CA ASN A 287 -13.58 -14.81 7.45
C ASN A 287 -12.98 -16.10 6.92
N HIS A 288 -12.06 -16.04 5.96
CA HIS A 288 -11.51 -17.24 5.38
C HIS A 288 -10.77 -18.06 6.43
N PRO A 289 -10.84 -19.39 6.38
CA PRO A 289 -10.14 -20.22 7.39
C PRO A 289 -8.66 -19.89 7.57
N TRP A 290 -7.94 -19.54 6.51
CA TRP A 290 -6.52 -19.25 6.67
C TRP A 290 -6.28 -18.01 7.52
N MET A 291 -7.25 -17.12 7.64
CA MET A 291 -7.06 -15.85 8.32
C MET A 291 -7.39 -15.90 9.81
N GLN A 292 -7.79 -17.04 10.34
CA GLN A 292 -8.22 -17.10 11.73
C GLN A 292 -7.02 -17.16 12.68
N ASP A 293 -7.25 -16.68 13.91
CA ASP A 293 -6.26 -16.72 14.99
C ASP A 293 -5.02 -15.88 14.67
N VAL A 294 -5.24 -14.69 14.11
CA VAL A 294 -4.14 -13.81 13.77
C VAL A 294 -3.40 -13.37 15.04
N LEU A 295 -2.10 -13.13 14.90
CA LEU A 295 -1.31 -12.56 15.98
C LEU A 295 -1.62 -11.07 16.14
N LEU A 296 -1.52 -10.59 17.37
CA LEU A 296 -1.55 -9.16 17.64
C LEU A 296 -0.27 -8.52 17.11
N PRO A 297 -0.30 -7.21 16.84
CA PRO A 297 0.92 -6.55 16.35
C PRO A 297 2.11 -6.71 17.29
N GLN A 298 1.90 -6.56 18.61
CA GLN A 298 3.01 -6.68 19.55
C GLN A 298 3.57 -8.09 19.59
N GLU A 299 2.69 -9.10 19.59
CA GLU A 299 3.14 -10.48 19.47
C GLU A 299 3.95 -10.67 18.17
N THR A 300 3.49 -10.06 17.08
CA THR A 300 4.20 -10.17 15.81
C THR A 300 5.62 -9.63 15.94
N ALA A 301 5.78 -8.48 16.61
CA ALA A 301 7.10 -7.88 16.75
C ALA A 301 8.01 -8.76 17.61
N GLU A 302 7.48 -9.33 18.69
CA GLU A 302 8.32 -10.09 19.61
C GLU A 302 8.70 -11.46 19.05
N ILE A 303 7.78 -12.10 18.34
CA ILE A 303 8.06 -13.43 17.79
C ILE A 303 8.90 -13.33 16.53
N HIS A 304 8.63 -12.34 15.68
CA HIS A 304 9.15 -12.33 14.32
C HIS A 304 10.08 -11.17 13.98
N LEU A 305 10.07 -10.09 14.76
CA LEU A 305 10.84 -8.90 14.41
C LEU A 305 11.91 -8.52 15.44
N HIS A 306 11.88 -9.09 16.63
CA HIS A 306 12.87 -8.74 17.65
C HIS A 306 14.03 -9.73 17.65
N ARG B 2 16.41 -16.49 -9.13
CA ARG B 2 15.43 -15.71 -9.87
C ARG B 2 15.48 -14.25 -9.43
N LYS B 3 15.43 -13.33 -10.40
CA LYS B 3 15.61 -11.91 -10.12
C LYS B 3 14.31 -11.30 -9.59
N ARG B 4 14.39 -10.71 -8.40
CA ARG B 4 13.30 -9.97 -7.80
C ARG B 4 13.60 -8.49 -7.94
N ARG B 5 12.59 -7.71 -8.34
CA ARG B 5 12.80 -6.30 -8.63
C ARG B 5 11.60 -5.48 -8.21
N ARG B 6 11.86 -4.19 -7.99
CA ARG B 6 10.79 -3.21 -7.80
C ARG B 6 10.15 -2.89 -9.15
N HIS B 7 8.94 -2.33 -9.09
CA HIS B 7 8.20 -1.96 -10.29
C HIS B 7 7.61 -0.56 -10.08
N PRO B 8 8.20 0.46 -10.70
CA PRO B 8 7.68 1.83 -10.54
C PRO B 8 6.24 1.94 -11.00
N SER B 9 5.54 2.93 -10.44
CA SER B 9 4.16 3.21 -10.82
C SER B 9 4.12 4.07 -12.08
C1 GOL C . 4.42 -17.91 -11.88
O1 GOL C . 4.26 -18.19 -10.51
C2 GOL C . 3.17 -18.43 -12.63
O2 GOL C . 2.05 -18.50 -11.82
C3 GOL C . 2.98 -17.46 -13.82
O3 GOL C . 1.93 -17.98 -14.58
N9 XIW D . 8.19 7.80 6.15
N7 XIW D . 10.03 6.45 6.15
C5 XIW D . 10.12 5.53 3.88
C4 XIW D . 9.43 5.16 2.73
C2 XIW D . 11.25 3.72 2.06
N1 XIW D . 11.80 2.81 1.17
C6 XIW D . 9.51 6.41 4.92
C10 XIW D . 8.30 7.28 4.92
C11 XIW D . 7.30 7.59 3.88
C12 XIW D . 5.95 7.69 4.25
C13 XIW D . 4.98 8.00 3.31
C14 XIW D . 5.34 8.23 1.97
C15 XIW D . 4.28 8.53 0.95
C18 XIW D . 6.68 8.13 1.62
C19 XIW D . 7.64 7.82 2.55
C20 XIW D . 11.38 4.99 4.11
C21 XIW D . 11.94 4.10 3.21
C3 XIW D . 9.98 4.27 1.82
N8 XIW D . 9.22 7.27 6.81
O16 XIW D . 3.08 8.59 1.34
O17 XIW D . 4.64 8.69 -0.24
#